data_5A7T
#
_entry.id   5A7T
#
_cell.length_a   41.730
_cell.length_b   46.400
_cell.length_c   139.040
_cell.angle_alpha   90.00
_cell.angle_beta   90.00
_cell.angle_gamma   90.00
#
_symmetry.space_group_name_H-M   'P 21 21 21'
#
loop_
_entity.id
_entity.type
_entity.pdbx_description
1 polymer 'TRNA (ADENINE(9)-N1)-METHYLTRANSFERASE'
2 non-polymer DI(HYDROXYETHYL)ETHER
3 water water
#
_entity_poly.entity_id   1
_entity_poly.type   'polypeptide(L)'
_entity_poly.pdbx_seq_one_letter_code
;(MSE)GSSHHHHHHSSGLVPRGSH(MSE)TLAKVFSQKLRELGISSIYIGHERPSLQSLAIK(MSE)LLKNYGLVEERRE
G(MSE)LITQDHGIKLISGKGTETSRYTFRKGGKKVSIHLPEYPK(MSE)VIDLGLFEFLNEEEKEKTLLQVDLCLSVIR
KFLWDGNLTVVGKADYVLGRANIVQSLSLSDEDNPVILDPYGDVVATDQILRDHNVFVIGGIVDKGRRLDRATERLALSR
GYSFPRVKIQLRGSIIGVPDEINKILEIILRVKELDQSLEEAIISLQSK
;
_entity_poly.pdbx_strand_id   A
#
loop_
_chem_comp.id
_chem_comp.type
_chem_comp.name
_chem_comp.formula
PEG non-polymer DI(HYDROXYETHYL)ETHER 'C4 H10 O3'
#
# COMPACT_ATOMS: atom_id res chain seq x y z
N VAL A 15 0.07 1.61 15.52
CA VAL A 15 -0.64 1.72 14.20
C VAL A 15 -1.32 0.36 13.82
N PRO A 16 -2.36 -0.07 14.59
CA PRO A 16 -3.04 -1.42 14.53
C PRO A 16 -3.51 -1.99 13.15
N ARG A 17 -3.70 -3.32 13.08
CA ARG A 17 -4.02 -4.01 11.81
C ARG A 17 -5.53 -4.05 11.47
N GLY A 18 -5.81 -4.32 10.22
CA GLY A 18 -7.14 -4.49 9.71
C GLY A 18 -7.50 -5.96 9.74
N SER A 19 -8.76 -6.26 9.75
CA SER A 19 -9.21 -7.63 9.78
C SER A 19 -9.19 -8.29 8.42
N HIS A 20 -9.09 -7.47 7.39
CA HIS A 20 -9.28 -7.91 6.05
C HIS A 20 -8.26 -7.30 5.09
N MSE A 21 -6.99 -7.37 5.43
CA MSE A 21 -5.94 -6.82 4.61
C MSE A 21 -5.69 -7.71 3.44
O MSE A 21 -5.73 -8.88 3.64
CB MSE A 21 -4.69 -6.70 5.46
CG MSE A 21 -4.91 -5.64 6.51
SE MSE A 21 -3.37 -5.27 7.63
CE MSE A 21 -2.48 -4.06 6.42
N THR A 22 -5.47 -7.18 2.26
CA THR A 22 -5.31 -7.95 1.04
C THR A 22 -4.18 -8.94 1.12
N LEU A 23 -3.00 -8.49 1.58
CA LEU A 23 -1.84 -9.38 1.66
C LEU A 23 -2.02 -10.47 2.71
N ALA A 24 -2.81 -10.17 3.72
CA ALA A 24 -3.15 -11.15 4.73
C ALA A 24 -4.10 -12.19 4.17
N LYS A 25 -5.07 -11.76 3.39
CA LYS A 25 -6.00 -12.68 2.80
C LYS A 25 -5.25 -13.74 2.00
N VAL A 26 -4.37 -13.33 1.07
CA VAL A 26 -3.67 -14.28 0.21
C VAL A 26 -2.69 -15.21 0.94
N PHE A 27 -2.01 -14.67 1.95
CA PHE A 27 -1.13 -15.50 2.77
C PHE A 27 -1.91 -16.59 3.54
N SER A 28 -3.02 -16.22 4.18
CA SER A 28 -3.85 -17.20 4.86
C SER A 28 -4.52 -18.20 3.91
N GLN A 29 -4.89 -17.80 2.69
CA GLN A 29 -5.40 -18.77 1.70
C GLN A 29 -4.41 -19.90 1.59
N LYS A 30 -3.15 -19.52 1.36
CA LYS A 30 -2.06 -20.46 1.21
C LYS A 30 -1.83 -21.33 2.44
N LEU A 31 -1.91 -20.76 3.62
CA LEU A 31 -1.67 -21.54 4.82
C LEU A 31 -2.77 -22.59 5.06
N ARG A 32 -4.03 -22.24 4.76
CA ARG A 32 -5.17 -23.17 4.91
C ARG A 32 -5.05 -24.30 3.91
N GLU A 33 -4.62 -23.96 2.72
CA GLU A 33 -4.33 -24.94 1.73
C GLU A 33 -3.37 -25.98 2.30
N LEU A 34 -2.32 -25.53 2.99
CA LEU A 34 -1.36 -26.43 3.66
C LEU A 34 -1.83 -27.01 5.01
N GLY A 35 -3.05 -26.74 5.42
CA GLY A 35 -3.54 -27.22 6.73
C GLY A 35 -3.00 -26.48 7.95
N ILE A 36 -2.29 -25.37 7.75
CA ILE A 36 -1.65 -24.65 8.84
C ILE A 36 -2.61 -23.58 9.33
N SER A 37 -3.05 -23.71 10.57
CA SER A 37 -4.03 -22.81 11.15
C SER A 37 -3.43 -22.12 12.38
N SER A 38 -2.14 -22.26 12.58
CA SER A 38 -1.52 -21.74 13.77
C SER A 38 -0.05 -21.53 13.53
N ILE A 39 0.48 -20.40 13.96
CA ILE A 39 1.93 -20.09 13.80
C ILE A 39 2.53 -19.47 15.06
N TYR A 40 3.67 -19.98 15.51
CA TYR A 40 4.42 -19.31 16.59
C TYR A 40 5.26 -18.19 15.99
N ILE A 41 5.04 -16.94 16.44
CA ILE A 41 5.59 -15.75 15.75
C ILE A 41 6.70 -15.03 16.51
N GLY A 42 7.01 -15.48 17.72
CA GLY A 42 8.10 -14.91 18.50
C GLY A 42 7.91 -13.43 18.74
N HIS A 43 8.93 -12.65 18.38
CA HIS A 43 8.86 -11.18 18.52
C HIS A 43 8.27 -10.46 17.31
N GLU A 44 7.74 -11.19 16.35
CA GLU A 44 7.24 -10.53 15.17
C GLU A 44 5.97 -9.80 15.51
N ARG A 45 5.58 -8.88 14.64
CA ARG A 45 4.31 -8.19 14.76
C ARG A 45 3.16 -9.15 14.45
N PRO A 46 2.09 -9.15 15.27
CA PRO A 46 1.01 -10.09 15.06
C PRO A 46 0.09 -9.69 13.92
N SER A 47 0.61 -9.77 12.71
CA SER A 47 -0.14 -9.42 11.52
C SER A 47 0.43 -10.23 10.41
N LEU A 48 -0.43 -10.90 9.66
CA LEU A 48 0.03 -11.71 8.53
C LEU A 48 0.60 -10.85 7.40
N GLN A 49 0.09 -9.62 7.24
CA GLN A 49 0.71 -8.71 6.31
C GLN A 49 2.18 -8.46 6.67
N SER A 50 2.51 -8.22 7.96
CA SER A 50 3.92 -7.97 8.34
C SER A 50 4.75 -9.20 8.14
N LEU A 51 4.18 -10.35 8.45
CA LEU A 51 4.88 -11.59 8.28
C LEU A 51 5.14 -11.87 6.81
N ALA A 52 4.14 -11.61 5.97
CA ALA A 52 4.31 -11.75 4.54
C ALA A 52 5.50 -10.93 4.09
N ILE A 53 5.54 -9.66 4.50
CA ILE A 53 6.63 -8.79 4.13
C ILE A 53 7.98 -9.38 4.53
N LYS A 54 8.08 -9.89 5.76
CA LYS A 54 9.37 -10.47 6.16
C LYS A 54 9.74 -11.67 5.31
N MSE A 55 8.76 -12.45 4.93
CA MSE A 55 9.04 -13.67 4.19
C MSE A 55 9.47 -13.32 2.80
O MSE A 55 10.35 -13.91 2.27
CB MSE A 55 7.80 -14.55 4.11
CG MSE A 55 8.06 -15.89 3.44
SE MSE A 55 6.43 -16.96 3.64
CE MSE A 55 7.08 -18.48 4.65
N LEU A 56 8.78 -12.35 2.19
CA LEU A 56 9.08 -11.91 0.84
C LEU A 56 10.39 -11.17 0.72
N LEU A 57 10.75 -10.37 1.70
CA LEU A 57 11.87 -9.48 1.52
C LEU A 57 13.08 -9.75 2.40
N LYS A 58 12.87 -10.34 3.59
CA LYS A 58 13.90 -10.33 4.63
C LYS A 58 14.35 -11.73 5.04
N ASN A 59 14.08 -12.70 4.20
CA ASN A 59 14.61 -14.04 4.41
C ASN A 59 14.10 -14.76 5.67
N TYR A 60 12.80 -14.65 5.90
CA TYR A 60 12.15 -15.39 6.96
C TYR A 60 11.35 -16.50 6.34
N GLY A 61 11.03 -17.53 7.11
CA GLY A 61 10.06 -18.50 6.66
C GLY A 61 9.52 -19.33 7.79
N LEU A 62 8.95 -20.48 7.46
CA LEU A 62 8.40 -21.42 8.45
C LEU A 62 9.33 -22.58 8.78
N VAL A 63 9.38 -22.92 10.05
CA VAL A 63 10.11 -24.07 10.48
C VAL A 63 9.18 -24.95 11.25
N GLU A 64 9.14 -26.21 10.87
CA GLU A 64 8.36 -27.20 11.56
C GLU A 64 8.85 -27.53 12.94
N GLU A 65 8.05 -27.24 13.93
CA GLU A 65 8.38 -27.59 15.30
C GLU A 65 7.18 -27.37 16.18
N ARG A 66 7.07 -28.18 17.23
CA ARG A 66 5.99 -28.01 18.15
C ARG A 66 6.36 -26.96 19.15
N ARG A 67 5.45 -26.03 19.39
CA ARG A 67 5.64 -25.01 20.38
C ARG A 67 4.32 -24.75 21.04
N GLU A 68 4.37 -24.13 22.20
CA GLU A 68 3.19 -23.75 22.93
C GLU A 68 3.34 -22.27 23.19
N GLY A 69 2.24 -21.54 23.11
CA GLY A 69 2.32 -20.14 23.38
C GLY A 69 0.96 -19.60 23.65
N MSE A 70 0.90 -18.31 23.88
CA MSE A 70 -0.31 -17.63 24.24
C MSE A 70 -0.84 -17.06 22.98
O MSE A 70 -0.11 -16.72 22.09
CB MSE A 70 0.11 -16.52 25.18
CG MSE A 70 -1.07 -15.94 25.94
SE MSE A 70 -0.56 -14.10 26.44
CE MSE A 70 -2.36 -13.54 27.08
N LEU A 71 -2.16 -16.92 22.89
CA LEU A 71 -2.79 -16.47 21.66
C LEU A 71 -2.80 -14.98 21.57
N ILE A 72 -2.01 -14.44 20.64
CA ILE A 72 -1.88 -12.99 20.50
C ILE A 72 -3.02 -12.47 19.67
N THR A 73 -3.20 -13.03 18.48
CA THR A 73 -4.27 -12.57 17.60
C THR A 73 -4.65 -13.67 16.65
N GLN A 74 -5.77 -13.49 15.98
CA GLN A 74 -6.20 -14.42 14.95
C GLN A 74 -6.60 -13.63 13.71
N ASP A 75 -5.89 -13.89 12.61
CA ASP A 75 -5.91 -13.05 11.43
C ASP A 75 -6.36 -13.93 10.26
N HIS A 76 -7.51 -13.63 9.69
CA HIS A 76 -8.10 -14.54 8.70
C HIS A 76 -8.07 -15.99 9.10
N GLY A 77 -8.37 -16.29 10.35
CA GLY A 77 -8.51 -17.68 10.77
C GLY A 77 -7.23 -18.35 11.19
N ILE A 78 -6.10 -17.63 11.10
CA ILE A 78 -4.80 -18.17 11.49
C ILE A 78 -4.47 -17.63 12.86
N LYS A 79 -4.18 -18.52 13.79
CA LYS A 79 -3.81 -18.10 15.15
C LYS A 79 -2.33 -17.71 15.22
N LEU A 80 -2.04 -16.52 15.76
CA LEU A 80 -0.65 -16.09 15.97
C LEU A 80 -0.36 -16.13 17.45
N ILE A 81 0.61 -16.97 17.85
CA ILE A 81 0.92 -17.21 19.26
C ILE A 81 2.40 -16.90 19.57
N SER A 82 2.71 -16.48 20.80
CA SER A 82 4.12 -16.30 21.23
C SER A 82 4.22 -16.44 22.73
N GLY A 83 5.45 -16.46 23.24
CA GLY A 83 5.67 -16.61 24.66
C GLY A 83 5.11 -17.93 25.17
N LYS A 84 4.23 -17.88 26.18
CA LYS A 84 3.80 -19.07 26.93
C LYS A 84 2.31 -19.07 27.24
N GLY A 85 1.72 -20.26 27.11
CA GLY A 85 0.27 -20.43 27.22
C GLY A 85 -0.16 -21.79 26.69
N THR A 86 -1.45 -21.97 26.54
CA THR A 86 -2.03 -23.30 26.30
C THR A 86 -2.18 -23.72 24.81
N GLU A 87 -2.02 -22.77 23.89
CA GLU A 87 -2.14 -23.02 22.45
C GLU A 87 -0.91 -23.75 21.91
N THR A 88 -1.14 -24.60 20.92
CA THR A 88 -0.11 -25.36 20.24
C THR A 88 0.10 -24.79 18.85
N SER A 89 1.33 -24.84 18.36
CA SER A 89 1.61 -24.61 16.98
C SER A 89 2.56 -25.66 16.50
N ARG A 90 2.50 -25.92 15.21
CA ARG A 90 3.36 -26.87 14.57
C ARG A 90 4.33 -26.21 13.64
N TYR A 91 4.20 -24.93 13.46
CA TYR A 91 5.05 -24.16 12.54
C TYR A 91 5.44 -22.90 13.23
N THR A 92 6.69 -22.54 13.04
CA THR A 92 7.25 -21.40 13.76
C THR A 92 7.86 -20.47 12.74
N PHE A 93 7.53 -19.19 12.84
CA PHE A 93 8.04 -18.18 11.90
C PHE A 93 9.40 -17.67 12.37
N ARG A 94 10.43 -17.88 11.56
CA ARG A 94 11.72 -17.32 11.89
C ARG A 94 12.68 -17.19 10.72
N LYS A 95 13.78 -16.51 11.00
CA LYS A 95 14.83 -16.17 10.05
C LYS A 95 15.40 -17.43 9.43
N GLY A 96 15.43 -17.52 8.11
CA GLY A 96 16.04 -18.64 7.46
C GLY A 96 15.17 -19.87 7.33
N GLY A 97 13.94 -19.81 7.80
CA GLY A 97 12.95 -20.88 7.53
C GLY A 97 12.47 -20.94 6.08
N LYS A 98 11.63 -21.91 5.75
CA LYS A 98 11.20 -22.15 4.37
C LYS A 98 10.14 -21.12 3.92
N LYS A 99 10.31 -20.59 2.70
CA LYS A 99 9.29 -19.78 2.05
C LYS A 99 8.07 -20.63 1.68
N VAL A 100 6.89 -20.02 1.62
CA VAL A 100 5.75 -20.57 0.87
C VAL A 100 5.27 -19.54 -0.17
N SER A 101 4.74 -20.02 -1.27
CA SER A 101 4.38 -19.15 -2.35
C SER A 101 3.03 -18.60 -2.09
N ILE A 102 2.88 -17.31 -2.21
CA ILE A 102 1.56 -16.70 -2.15
C ILE A 102 1.23 -16.02 -3.46
N HIS A 103 -0.05 -15.89 -3.75
CA HIS A 103 -0.49 -15.27 -4.99
C HIS A 103 -0.56 -13.75 -4.77
N LEU A 104 0.53 -13.05 -5.11
CA LEU A 104 0.69 -11.63 -4.77
C LEU A 104 -0.36 -10.80 -5.46
N PRO A 105 -1.08 -9.95 -4.68
CA PRO A 105 -2.26 -9.20 -5.19
C PRO A 105 -1.92 -8.13 -6.24
N GLU A 106 -2.71 -8.08 -7.30
CA GLU A 106 -2.53 -7.09 -8.37
C GLU A 106 -3.05 -5.75 -7.87
N TYR A 107 -4.20 -5.82 -7.20
CA TYR A 107 -4.96 -4.69 -6.74
C TYR A 107 -4.96 -4.65 -5.23
N PRO A 108 -4.97 -3.44 -4.68
CA PRO A 108 -4.95 -2.17 -5.39
C PRO A 108 -3.56 -1.75 -5.88
N LYS A 109 -3.56 -0.85 -6.86
CA LYS A 109 -2.31 -0.30 -7.42
C LYS A 109 -2.17 1.16 -7.06
N MSE A 110 -1.01 1.52 -6.52
CA MSE A 110 -0.68 2.91 -6.19
C MSE A 110 0.28 3.38 -7.23
O MSE A 110 1.30 2.73 -7.47
CB MSE A 110 -0.03 2.94 -4.79
CG MSE A 110 -0.88 2.25 -3.70
SE MSE A 110 -2.61 3.22 -3.33
CE MSE A 110 -3.71 1.60 -3.31
N VAL A 111 0.00 4.52 -7.86
CA VAL A 111 0.80 4.99 -8.96
C VAL A 111 1.32 6.37 -8.66
N ILE A 112 2.64 6.55 -8.67
CA ILE A 112 3.19 7.85 -8.48
C ILE A 112 3.56 8.35 -9.84
N ASP A 113 3.10 9.53 -10.19
CA ASP A 113 3.27 10.06 -11.53
C ASP A 113 4.28 11.20 -11.50
N LEU A 114 5.50 10.87 -11.91
CA LEU A 114 6.60 11.78 -11.91
C LEU A 114 6.87 12.31 -13.28
N GLY A 115 5.86 12.30 -14.15
CA GLY A 115 5.96 12.84 -15.49
C GLY A 115 6.34 14.30 -15.49
N LEU A 116 5.90 15.02 -14.45
CA LEU A 116 6.20 16.44 -14.26
C LEU A 116 7.60 16.81 -13.73
N PHE A 117 8.41 15.84 -13.34
CA PHE A 117 9.62 16.11 -12.58
C PHE A 117 10.46 17.27 -13.12
N GLU A 118 10.67 17.31 -14.42
CA GLU A 118 11.58 18.30 -14.99
C GLU A 118 10.97 19.69 -15.13
N PHE A 119 9.68 19.83 -14.86
CA PHE A 119 9.05 21.12 -14.82
C PHE A 119 9.15 21.72 -13.43
N LEU A 120 9.87 21.06 -12.52
CA LEU A 120 9.83 21.46 -11.10
C LEU A 120 11.07 22.29 -10.76
N ASN A 121 10.94 23.15 -9.77
CA ASN A 121 12.12 23.88 -9.32
C ASN A 121 12.96 22.98 -8.38
N GLU A 122 13.99 23.54 -7.76
CA GLU A 122 15.00 22.71 -7.14
C GLU A 122 14.50 22.22 -5.81
N GLU A 123 13.87 23.10 -5.06
CA GLU A 123 13.20 22.75 -3.82
C GLU A 123 12.09 21.66 -4.03
N GLU A 124 11.24 21.85 -5.03
CA GLU A 124 10.18 20.90 -5.36
C GLU A 124 10.80 19.51 -5.73
N LYS A 125 11.87 19.52 -6.53
CA LYS A 125 12.53 18.25 -6.86
C LYS A 125 13.08 17.51 -5.63
N GLU A 126 13.80 18.24 -4.80
CA GLU A 126 14.41 17.62 -3.65
C GLU A 126 13.32 17.00 -2.77
N LYS A 127 12.28 17.77 -2.43
CA LYS A 127 11.12 17.29 -1.66
C LYS A 127 10.43 16.07 -2.30
N THR A 128 10.23 16.13 -3.59
CA THR A 128 9.56 15.08 -4.29
C THR A 128 10.30 13.76 -4.19
N LEU A 129 11.61 13.79 -4.43
CA LEU A 129 12.41 12.60 -4.37
C LEU A 129 12.41 11.96 -2.97
N LEU A 130 12.44 12.78 -1.94
CA LEU A 130 12.35 12.29 -0.58
C LEU A 130 10.97 11.61 -0.35
N GLN A 131 9.91 12.32 -0.74
CA GLN A 131 8.56 11.85 -0.53
C GLN A 131 8.33 10.56 -1.26
N VAL A 132 8.87 10.45 -2.45
CA VAL A 132 8.71 9.23 -3.20
C VAL A 132 9.50 8.13 -2.55
N ASP A 133 10.72 8.41 -2.14
CA ASP A 133 11.52 7.43 -1.38
C ASP A 133 10.81 6.85 -0.14
N LEU A 134 10.22 7.73 0.64
CA LEU A 134 9.40 7.36 1.79
C LEU A 134 8.18 6.51 1.43
N CYS A 135 7.71 6.57 0.18
CA CYS A 135 6.58 5.74 -0.23
C CYS A 135 6.89 4.27 -0.22
N LEU A 136 8.17 3.91 -0.30
CA LEU A 136 8.51 2.52 -0.17
C LEU A 136 8.21 1.96 1.23
N SER A 137 8.45 2.76 2.27
CA SER A 137 8.16 2.31 3.64
C SER A 137 6.66 2.29 3.87
N VAL A 138 5.95 3.30 3.37
CA VAL A 138 4.50 3.28 3.46
C VAL A 138 3.91 1.98 2.81
N ILE A 139 4.36 1.62 1.60
CA ILE A 139 3.72 0.51 0.90
C ILE A 139 4.00 -0.79 1.61
N ARG A 140 5.18 -0.90 2.18
CA ARG A 140 5.55 -2.07 2.99
C ARG A 140 4.78 -2.23 4.28
N LYS A 141 4.16 -1.16 4.77
CA LYS A 141 3.23 -1.24 5.90
C LYS A 141 1.86 -1.82 5.54
N PHE A 142 1.37 -1.62 4.34
CA PHE A 142 0.01 -2.02 4.03
C PHE A 142 -0.13 -3.10 3.02
N LEU A 143 0.76 -3.11 2.04
CA LEU A 143 0.73 -4.09 0.95
C LEU A 143 2.16 -4.60 0.79
N TRP A 144 2.74 -4.49 -0.40
CA TRP A 144 4.15 -4.76 -0.61
C TRP A 144 4.58 -3.99 -1.87
N ASP A 145 5.88 -4.07 -2.18
CA ASP A 145 6.52 -3.24 -3.20
C ASP A 145 5.83 -3.27 -4.54
N GLY A 146 5.37 -4.44 -4.93
CA GLY A 146 4.86 -4.67 -6.27
C GLY A 146 3.56 -3.94 -6.59
N ASN A 147 2.81 -3.56 -5.55
CA ASN A 147 1.60 -2.73 -5.73
C ASN A 147 1.92 -1.26 -5.92
N LEU A 148 3.18 -0.87 -5.81
CA LEU A 148 3.57 0.50 -6.07
C LEU A 148 4.25 0.59 -7.41
N THR A 149 3.80 1.55 -8.21
CA THR A 149 4.37 1.86 -9.51
C THR A 149 4.82 3.31 -9.50
N VAL A 150 6.01 3.60 -10.01
CA VAL A 150 6.44 4.97 -10.31
C VAL A 150 6.53 5.17 -11.84
N VAL A 151 5.89 6.21 -12.35
CA VAL A 151 5.80 6.38 -13.77
C VAL A 151 6.25 7.77 -14.17
N GLY A 152 7.02 7.81 -15.27
CA GLY A 152 7.50 9.06 -15.88
C GLY A 152 8.96 9.40 -15.65
N LYS A 153 9.64 8.60 -14.84
CA LYS A 153 11.09 8.65 -14.67
C LYS A 153 11.59 7.27 -14.78
N ALA A 154 12.12 6.89 -15.93
CA ALA A 154 12.53 5.49 -16.18
C ALA A 154 13.79 5.05 -15.37
N ASP A 155 14.55 6.08 -14.93
CA ASP A 155 15.82 5.95 -14.15
C ASP A 155 15.64 5.79 -12.62
N TYR A 156 14.41 5.93 -12.11
CA TYR A 156 14.17 5.83 -10.68
C TYR A 156 14.34 4.37 -10.23
N VAL A 157 14.89 4.18 -9.03
CA VAL A 157 14.95 2.87 -8.41
C VAL A 157 14.33 2.96 -7.04
N LEU A 158 13.44 2.02 -6.72
CA LEU A 158 12.80 2.03 -5.42
C LEU A 158 12.34 0.63 -5.01
N GLY A 159 13.24 -0.11 -4.34
CA GLY A 159 12.98 -1.48 -3.94
C GLY A 159 12.47 -2.30 -5.12
N ARG A 160 11.40 -3.05 -4.91
CA ARG A 160 10.87 -3.85 -5.97
C ARG A 160 9.65 -3.22 -6.59
N ALA A 161 9.51 -1.90 -6.41
CA ALA A 161 8.46 -1.17 -7.05
C ALA A 161 8.64 -1.21 -8.58
N ASN A 162 7.52 -1.17 -9.29
N ASN A 162 7.53 -1.15 -9.30
CA ASN A 162 7.50 -1.15 -10.74
CA ASN A 162 7.50 -1.17 -10.75
C ASN A 162 7.87 0.26 -11.23
C ASN A 162 7.83 0.25 -11.27
N ILE A 163 8.90 0.35 -12.06
CA ILE A 163 9.34 1.63 -12.66
C ILE A 163 9.09 1.58 -14.17
N VAL A 164 8.25 2.47 -14.69
CA VAL A 164 7.93 2.47 -16.11
C VAL A 164 7.99 3.90 -16.63
N GLN A 165 8.58 4.08 -17.82
CA GLN A 165 8.54 5.35 -18.56
C GLN A 165 7.07 5.80 -18.76
N SER A 166 6.24 4.90 -19.21
CA SER A 166 4.88 5.22 -19.49
C SER A 166 3.88 4.29 -18.85
N LEU A 167 2.69 4.80 -18.63
CA LEU A 167 1.66 4.08 -17.96
C LEU A 167 1.08 3.03 -18.89
N SER A 168 1.24 1.78 -18.51
CA SER A 168 0.67 0.70 -19.23
C SER A 168 -0.53 0.27 -18.42
N LEU A 169 -1.71 0.28 -19.02
CA LEU A 169 -2.96 0.32 -18.30
C LEU A 169 -3.88 -0.79 -18.77
N SER A 170 -4.38 -1.62 -17.86
CA SER A 170 -5.18 -2.79 -18.26
C SER A 170 -6.69 -2.51 -18.24
N ASP A 171 -7.44 -3.40 -18.90
CA ASP A 171 -8.94 -3.39 -18.97
C ASP A 171 -9.65 -3.26 -17.64
N GLU A 172 -9.00 -3.75 -16.60
CA GLU A 172 -9.59 -3.86 -15.28
C GLU A 172 -9.20 -2.71 -14.35
N ASP A 173 -8.13 -1.98 -14.66
CA ASP A 173 -7.75 -0.78 -13.90
C ASP A 173 -8.88 0.18 -13.89
N ASN A 174 -9.18 0.74 -12.74
CA ASN A 174 -10.31 1.65 -12.62
C ASN A 174 -9.82 2.81 -11.78
N PRO A 175 -9.08 3.73 -12.41
CA PRO A 175 -8.23 4.67 -11.69
C PRO A 175 -8.97 5.87 -11.22
N VAL A 176 -8.49 6.46 -10.12
CA VAL A 176 -8.90 7.81 -9.74
C VAL A 176 -7.63 8.61 -9.55
N ILE A 177 -7.67 9.89 -9.89
CA ILE A 177 -6.53 10.74 -9.79
C ILE A 177 -6.77 11.59 -8.57
N LEU A 178 -5.77 11.63 -7.67
CA LEU A 178 -5.78 12.54 -6.56
C LEU A 178 -5.33 13.93 -6.95
N ASP A 179 -6.19 14.92 -6.66
CA ASP A 179 -5.97 16.32 -7.08
C ASP A 179 -6.72 17.26 -6.13
N PRO A 180 -6.01 18.18 -5.49
CA PRO A 180 -6.70 19.14 -4.64
C PRO A 180 -7.59 20.08 -5.42
N TYR A 181 -7.31 20.27 -6.71
CA TYR A 181 -8.20 21.04 -7.60
C TYR A 181 -9.17 20.16 -8.38
N GLY A 182 -9.29 18.87 -8.06
CA GLY A 182 -10.35 18.03 -8.65
C GLY A 182 -11.73 18.57 -8.30
N ASP A 183 -12.75 18.16 -9.03
CA ASP A 183 -14.12 18.68 -8.77
C ASP A 183 -14.95 17.72 -7.88
N VAL A 184 -14.57 16.46 -7.83
CA VAL A 184 -15.20 15.50 -6.93
C VAL A 184 -14.53 15.53 -5.53
N VAL A 185 -15.35 15.60 -4.50
CA VAL A 185 -14.87 15.48 -3.14
C VAL A 185 -14.72 14.01 -2.82
N ALA A 186 -13.64 13.66 -2.15
CA ALA A 186 -13.40 12.26 -1.85
C ALA A 186 -14.29 11.82 -0.69
N THR A 187 -14.83 10.64 -0.79
CA THR A 187 -15.55 9.98 0.29
C THR A 187 -14.96 8.59 0.41
N ASP A 188 -15.20 7.89 1.51
CA ASP A 188 -14.71 6.53 1.65
C ASP A 188 -15.29 5.61 0.61
N GLN A 189 -16.52 5.92 0.22
CA GLN A 189 -17.23 5.22 -0.81
C GLN A 189 -16.47 5.26 -2.15
N ILE A 190 -16.14 6.45 -2.63
CA ILE A 190 -15.48 6.61 -3.93
C ILE A 190 -14.10 5.92 -3.98
N LEU A 191 -13.43 5.92 -2.85
CA LEU A 191 -12.15 5.25 -2.73
C LEU A 191 -12.29 3.74 -2.69
N ARG A 192 -13.31 3.25 -2.00
CA ARG A 192 -13.56 1.82 -1.98
C ARG A 192 -13.79 1.30 -3.41
N ASP A 193 -14.49 2.09 -4.23
CA ASP A 193 -14.89 1.64 -5.58
C ASP A 193 -13.83 1.76 -6.66
N HIS A 194 -12.64 2.27 -6.35
CA HIS A 194 -11.58 2.36 -7.35
C HIS A 194 -10.49 1.42 -6.94
N ASN A 195 -9.72 0.90 -7.91
CA ASN A 195 -8.61 -0.01 -7.60
C ASN A 195 -7.23 0.50 -8.04
N VAL A 196 -7.18 1.72 -8.60
CA VAL A 196 -5.92 2.33 -9.07
C VAL A 196 -5.90 3.82 -8.64
N PHE A 197 -4.82 4.23 -7.95
CA PHE A 197 -4.71 5.61 -7.47
C PHE A 197 -3.45 6.28 -7.98
N VAL A 198 -3.62 7.49 -8.54
CA VAL A 198 -2.56 8.23 -9.20
C VAL A 198 -2.32 9.52 -8.45
N ILE A 199 -1.11 9.66 -7.92
CA ILE A 199 -0.70 10.87 -7.20
C ILE A 199 0.43 11.47 -8.01
N GLY A 200 0.23 12.67 -8.51
CA GLY A 200 1.29 13.36 -9.22
C GLY A 200 2.03 14.23 -8.25
N GLY A 201 2.57 15.34 -8.76
CA GLY A 201 3.27 16.35 -7.94
C GLY A 201 2.55 17.70 -8.01
N ILE A 202 2.52 18.45 -6.90
CA ILE A 202 1.93 19.80 -6.91
C ILE A 202 2.77 20.73 -7.77
N VAL A 203 2.11 21.51 -8.61
CA VAL A 203 2.81 22.35 -9.57
C VAL A 203 2.28 23.77 -9.45
N ASP A 204 3.12 24.76 -9.71
CA ASP A 204 2.72 26.16 -9.62
C ASP A 204 1.91 26.42 -8.36
N LYS A 205 2.18 25.65 -7.31
CA LYS A 205 1.48 25.80 -6.05
C LYS A 205 -0.03 25.79 -6.25
N GLY A 206 -0.50 24.97 -7.20
CA GLY A 206 -1.92 24.87 -7.49
C GLY A 206 -2.40 23.44 -7.52
N ARG A 207 -2.72 22.95 -8.71
CA ARG A 207 -3.20 21.58 -8.88
C ARG A 207 -2.09 20.53 -8.75
N ARG A 208 -2.52 19.28 -8.64
CA ARG A 208 -1.63 18.16 -8.57
C ARG A 208 -1.61 17.51 -9.94
N LEU A 209 -0.47 17.67 -10.62
CA LEU A 209 -0.33 17.30 -12.03
C LEU A 209 0.22 15.89 -12.18
N ASP A 210 -0.57 15.04 -12.87
CA ASP A 210 -0.20 13.67 -13.26
C ASP A 210 0.09 13.61 -14.77
N ARG A 211 1.27 14.09 -15.17
CA ARG A 211 1.53 14.33 -16.57
C ARG A 211 1.62 13.09 -17.43
N ALA A 212 2.27 12.05 -16.98
CA ALA A 212 2.39 10.84 -17.79
C ALA A 212 1.06 10.19 -17.99
N THR A 213 0.23 10.27 -16.98
CA THR A 213 -1.10 9.71 -17.05
C THR A 213 -1.98 10.55 -17.97
N GLU A 214 -1.84 11.85 -17.89
CA GLU A 214 -2.46 12.78 -18.81
C GLU A 214 -2.03 12.48 -20.29
N ARG A 215 -0.76 12.22 -20.55
CA ARG A 215 -0.40 11.98 -21.94
C ARG A 215 -1.17 10.79 -22.47
N LEU A 216 -1.21 9.73 -21.68
CA LEU A 216 -1.93 8.55 -22.11
C LEU A 216 -3.43 8.83 -22.31
N ALA A 217 -4.03 9.48 -21.32
CA ALA A 217 -5.46 9.79 -21.35
C ALA A 217 -5.85 10.68 -22.55
N LEU A 218 -5.09 11.76 -22.80
CA LEU A 218 -5.40 12.64 -23.90
C LEU A 218 -5.28 11.91 -25.21
N SER A 219 -4.32 11.01 -25.34
CA SER A 219 -4.10 10.28 -26.60
C SER A 219 -5.21 9.26 -26.97
N ARG A 220 -5.97 8.80 -25.99
CA ARG A 220 -6.95 7.73 -26.19
C ARG A 220 -8.37 8.14 -25.89
N GLY A 221 -8.54 9.41 -25.54
CA GLY A 221 -9.83 9.93 -25.15
C GLY A 221 -10.37 9.27 -23.91
N TYR A 222 -9.50 9.02 -22.94
CA TYR A 222 -9.94 8.66 -21.60
C TYR A 222 -9.99 9.93 -20.73
N SER A 223 -10.90 9.95 -19.76
CA SER A 223 -10.85 10.92 -18.66
C SER A 223 -11.20 10.20 -17.37
N PHE A 224 -10.34 10.40 -16.37
CA PHE A 224 -10.46 9.71 -15.09
C PHE A 224 -10.92 10.72 -14.07
N PRO A 225 -11.80 10.30 -13.18
CA PRO A 225 -12.28 11.23 -12.19
C PRO A 225 -11.15 11.76 -11.36
N ARG A 226 -11.24 13.04 -11.01
CA ARG A 226 -10.25 13.72 -10.20
C ARG A 226 -10.86 14.08 -8.87
N VAL A 227 -10.17 13.72 -7.81
CA VAL A 227 -10.76 13.70 -6.51
C VAL A 227 -9.93 14.56 -5.53
N LYS A 228 -10.61 15.49 -4.84
CA LYS A 228 -9.96 16.23 -3.75
C LYS A 228 -10.35 15.69 -2.39
N ILE A 229 -9.35 15.59 -1.54
CA ILE A 229 -9.53 15.14 -0.20
C ILE A 229 -9.77 16.35 0.68
N GLN A 230 -10.91 16.37 1.37
CA GLN A 230 -11.25 17.43 2.33
C GLN A 230 -11.41 16.90 3.75
N LEU A 231 -11.14 17.77 4.72
CA LEU A 231 -11.49 17.50 6.10
C LEU A 231 -12.56 18.52 6.50
N ARG A 232 -13.78 18.04 6.77
CA ARG A 232 -14.88 18.93 7.19
C ARG A 232 -15.13 20.04 6.14
N GLY A 233 -15.49 19.66 4.92
CA GLY A 233 -15.66 20.63 3.81
C GLY A 233 -14.48 21.57 3.49
N SER A 234 -13.23 21.22 3.82
CA SER A 234 -12.07 22.10 3.49
C SER A 234 -10.65 21.42 3.38
N ILE A 235 -9.79 22.02 2.55
CA ILE A 235 -8.38 21.56 2.38
C ILE A 235 -7.46 21.92 3.58
N ILE A 236 -7.94 22.76 4.50
CA ILE A 236 -7.26 22.97 5.80
C ILE A 236 -7.11 21.63 6.59
N GLY A 237 -5.87 21.33 7.01
CA GLY A 237 -5.56 20.13 7.84
C GLY A 237 -5.04 18.91 7.08
N VAL A 238 -5.16 18.97 5.74
CA VAL A 238 -4.93 17.84 4.84
C VAL A 238 -3.53 17.87 4.21
N PRO A 239 -2.75 16.81 4.38
CA PRO A 239 -1.36 16.75 3.93
C PRO A 239 -1.23 16.89 2.45
N ASP A 240 -0.15 17.53 1.99
CA ASP A 240 0.14 17.55 0.56
C ASP A 240 1.36 16.70 0.18
N GLU A 241 1.90 16.00 1.15
CA GLU A 241 3.01 15.12 0.87
C GLU A 241 2.50 13.84 0.19
N ILE A 242 3.21 13.42 -0.84
CA ILE A 242 2.86 12.27 -1.62
C ILE A 242 2.74 11.04 -0.74
N ASN A 243 3.76 10.81 0.08
CA ASN A 243 3.84 9.65 0.94
C ASN A 243 2.74 9.63 2.01
N LYS A 244 2.18 10.79 2.32
CA LYS A 244 1.13 10.85 3.32
C LYS A 244 -0.23 10.69 2.66
N ILE A 245 -0.39 11.26 1.48
CA ILE A 245 -1.56 10.99 0.67
C ILE A 245 -1.66 9.48 0.51
N LEU A 246 -0.56 8.87 0.13
CA LEU A 246 -0.52 7.45 -0.13
C LEU A 246 -1.03 6.72 1.07
N GLU A 247 -0.56 7.08 2.25
CA GLU A 247 -0.92 6.37 3.47
C GLU A 247 -2.38 6.58 3.85
N ILE A 248 -2.91 7.74 3.52
CA ILE A 248 -4.33 7.96 3.71
C ILE A 248 -5.07 6.92 2.89
N ILE A 249 -4.79 6.84 1.59
CA ILE A 249 -5.53 5.95 0.71
C ILE A 249 -5.51 4.56 1.30
N LEU A 250 -4.32 4.11 1.63
CA LEU A 250 -4.15 2.75 2.13
C LEU A 250 -4.82 2.52 3.51
N ARG A 251 -4.85 3.53 4.37
CA ARG A 251 -5.53 3.37 5.64
C ARG A 251 -7.05 3.12 5.41
N VAL A 252 -7.62 3.80 4.44
CA VAL A 252 -9.00 3.59 4.06
C VAL A 252 -9.22 2.20 3.42
N LYS A 253 -8.39 1.84 2.44
CA LYS A 253 -8.54 0.61 1.64
C LYS A 253 -8.21 -0.68 2.41
N GLU A 254 -7.15 -0.65 3.22
CA GLU A 254 -6.65 -1.84 3.88
C GLU A 254 -7.02 -1.90 5.33
N LEU A 255 -7.22 -0.79 5.99
CA LEU A 255 -7.56 -0.83 7.40
C LEU A 255 -9.04 -0.62 7.66
N ASP A 256 -9.81 -0.42 6.60
CA ASP A 256 -11.23 0.00 6.75
C ASP A 256 -11.38 1.22 7.67
N GLN A 257 -10.37 2.06 7.73
CA GLN A 257 -10.48 3.27 8.49
C GLN A 257 -11.28 4.25 7.66
N SER A 258 -12.03 5.10 8.33
CA SER A 258 -12.78 6.13 7.64
C SER A 258 -11.80 7.21 7.12
N LEU A 259 -12.13 7.86 6.01
CA LEU A 259 -11.28 8.89 5.42
C LEU A 259 -10.95 9.98 6.44
N GLU A 260 -11.97 10.42 7.18
CA GLU A 260 -11.76 11.44 8.20
C GLU A 260 -10.67 11.00 9.18
N GLU A 261 -10.82 9.84 9.79
CA GLU A 261 -9.86 9.40 10.81
C GLU A 261 -8.47 9.15 10.19
N ALA A 262 -8.45 8.65 8.94
CA ALA A 262 -7.18 8.45 8.20
C ALA A 262 -6.40 9.78 8.08
N ILE A 263 -7.11 10.86 7.73
CA ILE A 263 -6.52 12.18 7.66
C ILE A 263 -6.02 12.70 9.01
N ILE A 264 -6.77 12.46 10.09
CA ILE A 264 -6.33 12.86 11.44
C ILE A 264 -5.04 12.12 11.80
N SER A 265 -5.00 10.80 11.55
CA SER A 265 -3.81 10.00 11.82
C SER A 265 -2.52 10.58 11.28
N LEU A 266 -2.58 11.18 10.10
CA LEU A 266 -1.41 11.81 9.47
C LEU A 266 -1.16 13.29 9.88
N GLN A 267 -2.08 13.91 10.63
CA GLN A 267 -1.89 15.29 11.20
C GLN A 267 -1.42 16.33 10.18
C1 PEG B . -1.64 -1.50 -15.06
O1 PEG B . -0.49 -2.30 -15.40
C2 PEG B . -1.37 -0.64 -13.81
O2 PEG B . -0.63 0.54 -14.13
C3 PEG B . 0.74 0.47 -13.68
C4 PEG B . 1.67 -0.27 -14.68
O4 PEG B . 2.33 0.64 -15.60
#